data_4KTC
#
_entry.id   4KTC
#
_cell.length_a   72.988
_cell.length_b   72.988
_cell.length_c   127.480
_cell.angle_alpha   90.00
_cell.angle_beta   90.00
_cell.angle_gamma   120.00
#
_symmetry.space_group_name_H-M   'P 63'
#
loop_
_entity.id
_entity.type
_entity.pdbx_description
1 polymer 'Serine protease NS3'
2 polymer 'NS4A peptide'
3 non-polymer 'ZINC ION'
4 non-polymer '(2R,6S,13aR,14aR,16aS)-6-{[(cyclopentyloxy)carbonyl]amino}-14a-[(cyclopropylsulfonyl)carbamoyl]-5,16-dioxooctadecahydrocyclopropa[e]pyrrolo[1,2-a][1,4]diazacyclopentadecin-2-yl 3,4-dihydroisoquinoline-2(1H)-carboxylate'
5 water water
#
loop_
_entity_poly.entity_id
_entity_poly.type
_entity_poly.pdbx_seq_one_letter_code
_entity_poly.pdbx_strand_id
1 'polypeptide(L)'
;GSMAPITAYSQQTRGLLGCIITSLTGRDKNQVDGEVQVLSTATQSFLATCVNGVCWTVYHGAGSKTLAGPKGPITQMYTN
VDQDLVGWPAPPGARSMTPCTCGSSDLYLVTRHADVIPVRRRGDSRGSLLSPRPVSYLKGSSGGPLLCPSGHVVGIFRAA
VCTRGVAKAVDFIPVESMETTMRSPVFTDN
;
A,C
2 'polypeptide(L)' KGSVVIVGRIILSGRK B,D
#
# COMPACT_ATOMS: atom_id res chain seq x y z
N ALA A 4 7.00 23.42 15.85
CA ALA A 4 5.71 22.97 16.44
C ALA A 4 5.92 22.19 17.76
N PRO A 5 5.63 22.83 18.92
CA PRO A 5 5.84 22.14 20.19
C PRO A 5 4.71 21.14 20.50
N ILE A 6 4.56 20.15 19.62
CA ILE A 6 3.58 19.08 19.78
C ILE A 6 4.22 17.93 20.54
N THR A 7 3.61 17.57 21.66
CA THR A 7 4.00 16.43 22.48
C THR A 7 2.81 15.49 22.71
N ALA A 8 3.08 14.29 23.17
CA ALA A 8 2.04 13.29 23.38
C ALA A 8 2.29 12.52 24.67
N TYR A 9 1.23 11.98 25.26
CA TYR A 9 1.38 11.19 26.47
C TYR A 9 0.39 10.05 26.41
N SER A 10 0.88 8.81 26.59
CA SER A 10 0.02 7.63 26.50
C SER A 10 -0.52 7.22 27.85
N GLN A 11 -1.82 6.94 27.91
CA GLN A 11 -2.42 6.45 29.12
C GLN A 11 -3.21 5.17 28.85
N GLN A 12 -2.76 4.10 29.48
CA GLN A 12 -3.42 2.81 29.41
C GLN A 12 -4.68 2.89 30.27
N THR A 13 -5.81 2.48 29.69
CA THR A 13 -7.08 2.43 30.43
C THR A 13 -7.55 0.99 30.71
N ARG A 14 -6.80 0.00 30.25
CA ARG A 14 -7.23 -1.38 30.43
C ARG A 14 -6.08 -2.36 30.43
N GLY A 15 -6.21 -3.43 31.23
CA GLY A 15 -5.29 -4.55 31.20
C GLY A 15 -5.71 -5.56 30.14
N LEU A 16 -5.04 -6.71 30.10
CA LEU A 16 -5.33 -7.75 29.10
C LEU A 16 -6.59 -8.56 29.45
N LEU A 17 -6.75 -8.91 30.72
CA LEU A 17 -7.93 -9.65 31.17
C LEU A 17 -9.19 -8.85 30.85
N GLY A 18 -9.16 -7.56 31.20
CA GLY A 18 -10.24 -6.64 30.89
C GLY A 18 -10.41 -6.46 29.39
N CYS A 19 -9.34 -6.66 28.63
CA CYS A 19 -9.44 -6.58 27.17
C CYS A 19 -10.06 -7.84 26.57
N ILE A 20 -9.62 -9.03 27.02
CA ILE A 20 -10.25 -10.27 26.55
C ILE A 20 -11.75 -10.26 26.87
N ILE A 21 -12.11 -9.78 28.06
CA ILE A 21 -13.51 -9.77 28.50
C ILE A 21 -14.37 -8.78 27.69
N THR A 22 -13.86 -7.57 27.50
CA THR A 22 -14.56 -6.54 26.72
C THR A 22 -14.63 -6.91 25.24
N SER A 23 -13.65 -7.68 24.78
CA SER A 23 -13.63 -8.16 23.41
C SER A 23 -14.72 -9.20 23.14
N LEU A 24 -14.82 -10.19 24.03
CA LEU A 24 -15.85 -11.23 23.93
C LEU A 24 -17.27 -10.66 24.01
N THR A 25 -17.50 -9.69 24.88
CA THR A 25 -18.84 -9.15 25.10
C THR A 25 -19.24 -8.15 24.02
N GLY A 26 -18.33 -7.25 23.69
CA GLY A 26 -18.64 -6.13 22.79
C GLY A 26 -19.14 -4.92 23.54
N ARG A 27 -19.08 -4.98 24.88
CA ARG A 27 -19.64 -3.92 25.70
C ARG A 27 -18.54 -3.26 26.53
N ASP A 28 -18.34 -1.97 26.29
CA ASP A 28 -17.29 -1.24 26.96
C ASP A 28 -17.89 -0.37 28.06
N LYS A 29 -17.47 -0.65 29.30
CA LYS A 29 -17.95 0.08 30.46
C LYS A 29 -17.27 1.44 30.58
N ASN A 30 -16.02 1.53 30.13
CA ASN A 30 -15.17 2.70 30.31
C ASN A 30 -15.68 3.96 29.63
N GLN A 31 -15.24 5.11 30.15
CA GLN A 31 -15.53 6.41 29.57
C GLN A 31 -14.41 6.74 28.61
N VAL A 32 -14.76 6.96 27.35
CA VAL A 32 -13.78 7.29 26.31
C VAL A 32 -13.43 8.76 26.35
N ASP A 33 -12.13 9.05 26.35
CA ASP A 33 -11.61 10.42 26.21
C ASP A 33 -10.51 10.47 25.15
N GLY A 34 -10.18 11.68 24.72
CA GLY A 34 -9.07 11.88 23.79
C GLY A 34 -9.41 11.73 22.31
N GLU A 35 -8.42 12.02 21.47
CA GLU A 35 -8.59 12.05 20.03
C GLU A 35 -7.92 10.84 19.37
N VAL A 36 -6.81 10.41 19.94
CA VAL A 36 -6.14 9.16 19.53
C VAL A 36 -6.48 8.05 20.52
N GLN A 37 -7.01 6.94 20.01
CA GLN A 37 -7.29 5.77 20.83
C GLN A 37 -6.26 4.67 20.59
N VAL A 38 -5.87 3.98 21.66
CA VAL A 38 -5.02 2.80 21.56
C VAL A 38 -5.98 1.62 21.46
N LEU A 39 -5.92 0.90 20.35
CA LEU A 39 -6.83 -0.22 20.11
C LEU A 39 -6.16 -1.56 20.31
N SER A 40 -7.00 -2.57 20.52
CA SER A 40 -6.53 -3.93 20.60
C SER A 40 -7.64 -4.92 20.33
N THR A 41 -7.33 -5.90 19.48
CA THR A 41 -7.98 -7.20 19.51
C THR A 41 -7.17 -7.92 20.57
N ALA A 42 -7.62 -9.07 21.06
CA ALA A 42 -6.85 -9.73 22.12
C ALA A 42 -5.39 -10.02 21.72
N THR A 43 -5.14 -10.04 20.41
CA THR A 43 -3.91 -10.61 19.86
C THR A 43 -2.95 -9.62 19.15
N GLN A 44 -3.44 -8.42 18.85
CA GLN A 44 -2.59 -7.38 18.27
C GLN A 44 -3.10 -6.00 18.67
N SER A 45 -2.20 -5.00 18.63
CA SER A 45 -2.52 -3.68 19.12
C SER A 45 -2.05 -2.61 18.15
N PHE A 46 -2.85 -1.56 17.98
CA PHE A 46 -2.61 -0.51 16.97
C PHE A 46 -3.34 0.76 17.41
N LEU A 47 -3.39 1.77 16.56
CA LEU A 47 -3.99 3.04 16.97
C LEU A 47 -5.22 3.37 16.14
N ALA A 48 -6.00 4.32 16.64
CA ALA A 48 -7.14 4.90 15.91
C ALA A 48 -7.11 6.41 16.08
N THR A 49 -7.65 7.13 15.09
CA THR A 49 -7.80 8.58 15.19
C THR A 49 -9.23 8.99 14.86
N CYS A 50 -9.87 9.71 15.78
CA CYS A 50 -11.23 10.22 15.57
C CYS A 50 -11.18 11.52 14.78
N VAL A 51 -11.80 11.52 13.59
CA VAL A 51 -11.91 12.72 12.78
C VAL A 51 -13.32 12.84 12.27
N ASN A 52 -13.95 13.97 12.57
CA ASN A 52 -15.31 14.29 12.13
C ASN A 52 -16.34 13.18 12.33
N GLY A 53 -16.46 12.74 13.59
CA GLY A 53 -17.52 11.81 14.00
C GLY A 53 -17.15 10.34 13.96
N VAL A 54 -16.07 10.03 13.28
CA VAL A 54 -15.70 8.63 13.07
C VAL A 54 -14.35 8.28 13.71
N CYS A 55 -14.31 7.11 14.34
CA CYS A 55 -13.09 6.51 14.84
C CYS A 55 -12.41 5.70 13.72
N TRP A 56 -11.35 6.26 13.13
CA TRP A 56 -10.68 5.66 11.96
C TRP A 56 -9.43 4.86 12.31
N THR A 57 -9.27 3.71 11.66
CA THR A 57 -8.07 2.86 11.83
C THR A 57 -7.79 2.01 10.57
N VAL A 58 -6.74 1.18 10.62
CA VAL A 58 -6.37 0.34 9.48
C VAL A 58 -7.13 -0.98 9.39
N TYR A 59 -7.49 -1.36 8.18
CA TYR A 59 -8.10 -2.67 7.93
C TYR A 59 -7.20 -3.84 8.35
N HIS A 60 -5.92 -3.80 7.99
CA HIS A 60 -4.98 -4.88 8.36
C HIS A 60 -4.89 -5.06 9.88
N GLY A 61 -5.36 -4.07 10.62
CA GLY A 61 -5.51 -4.17 12.06
C GLY A 61 -6.90 -4.61 12.52
N ALA A 62 -7.92 -3.83 12.17
CA ALA A 62 -9.29 -4.05 12.65
C ALA A 62 -10.05 -5.18 11.93
N GLY A 63 -9.63 -5.50 10.71
CA GLY A 63 -10.45 -6.34 9.82
C GLY A 63 -11.81 -5.70 9.63
N SER A 64 -12.86 -6.51 9.72
CA SER A 64 -14.23 -6.02 9.67
C SER A 64 -14.88 -6.11 11.04
N LYS A 65 -14.06 -6.32 12.07
CA LYS A 65 -14.53 -6.48 13.44
C LYS A 65 -15.29 -5.25 13.92
N THR A 66 -16.25 -5.53 14.79
CA THR A 66 -16.98 -4.52 15.54
C THR A 66 -16.09 -3.91 16.63
N LEU A 67 -16.40 -2.67 17.03
CA LEU A 67 -15.72 -2.03 18.15
C LEU A 67 -16.62 -2.01 19.39
N ALA A 68 -16.05 -2.41 20.53
CA ALA A 68 -16.79 -2.46 21.78
C ALA A 68 -17.24 -1.07 22.19
N GLY A 69 -18.54 -0.90 22.42
CA GLY A 69 -19.14 0.40 22.75
C GLY A 69 -19.96 0.41 24.03
N PRO A 70 -20.40 1.61 24.47
CA PRO A 70 -21.12 1.76 25.74
C PRO A 70 -22.37 0.88 25.81
N LYS A 71 -23.21 0.95 24.76
CA LYS A 71 -24.40 0.12 24.69
C LYS A 71 -24.27 -0.97 23.63
N GLY A 72 -23.22 -1.79 23.76
CA GLY A 72 -23.01 -2.93 22.88
C GLY A 72 -21.98 -2.72 21.77
N PRO A 73 -21.76 -3.76 20.95
CA PRO A 73 -20.86 -3.69 19.79
C PRO A 73 -21.26 -2.62 18.77
N ILE A 74 -20.30 -1.80 18.35
CA ILE A 74 -20.53 -0.84 17.28
C ILE A 74 -20.10 -1.44 15.94
N THR A 75 -21.05 -1.49 15.00
CA THR A 75 -20.79 -2.03 13.67
C THR A 75 -19.95 -1.03 12.88
N GLN A 76 -19.05 -1.54 12.04
CA GLN A 76 -18.28 -0.70 11.12
C GLN A 76 -19.20 -0.02 10.12
N MET A 77 -19.33 1.30 10.21
CA MET A 77 -20.13 2.04 9.23
C MET A 77 -19.36 2.18 7.92
N TYR A 78 -18.03 2.22 8.02
CA TYR A 78 -17.15 2.45 6.89
C TYR A 78 -16.10 1.35 6.80
N THR A 79 -15.96 0.79 5.61
CA THR A 79 -14.89 -0.16 5.32
C THR A 79 -14.45 0.09 3.88
N ASN A 80 -13.18 0.43 3.72
CA ASN A 80 -12.58 0.60 2.42
C ASN A 80 -11.30 -0.23 2.37
N VAL A 81 -11.45 -1.49 1.96
CA VAL A 81 -10.33 -2.43 1.89
C VAL A 81 -9.26 -1.99 0.88
N ASP A 82 -9.70 -1.34 -0.21
CA ASP A 82 -8.83 -0.74 -1.22
C ASP A 82 -7.82 0.23 -0.61
N GLN A 83 -8.24 0.91 0.46
CA GLN A 83 -7.45 1.95 1.09
C GLN A 83 -6.86 1.49 2.43
N ASP A 84 -7.19 0.25 2.83
CA ASP A 84 -6.79 -0.28 4.14
C ASP A 84 -7.35 0.55 5.31
N LEU A 85 -8.55 1.10 5.12
CA LEU A 85 -9.18 1.98 6.09
C LEU A 85 -10.52 1.41 6.59
N VAL A 86 -10.76 1.49 7.89
CA VAL A 86 -12.08 1.25 8.44
C VAL A 86 -12.43 2.39 9.39
N GLY A 87 -13.72 2.58 9.62
CA GLY A 87 -14.21 3.54 10.60
C GLY A 87 -15.44 3.05 11.34
N TRP A 88 -15.58 3.48 12.59
CA TRP A 88 -16.80 3.30 13.36
C TRP A 88 -17.28 4.68 13.78
N PRO A 89 -18.62 4.87 13.88
CA PRO A 89 -19.06 6.11 14.51
C PRO A 89 -18.45 6.22 15.89
N ALA A 90 -17.81 7.35 16.19
CA ALA A 90 -17.10 7.55 17.46
C ALA A 90 -18.05 7.41 18.65
N PRO A 91 -17.63 6.67 19.70
CA PRO A 91 -18.45 6.59 20.90
C PRO A 91 -18.43 7.93 21.64
N PRO A 92 -19.54 8.31 22.32
CA PRO A 92 -19.57 9.60 23.00
C PRO A 92 -18.41 9.76 24.01
N GLY A 93 -17.78 10.92 24.00
CA GLY A 93 -16.58 11.17 24.78
C GLY A 93 -15.35 11.29 23.89
N ALA A 94 -15.36 10.59 22.77
CA ALA A 94 -14.24 10.65 21.82
C ALA A 94 -14.28 11.93 20.99
N ARG A 95 -13.40 12.88 21.30
CA ARG A 95 -13.36 14.13 20.53
C ARG A 95 -12.66 13.94 19.18
N SER A 96 -13.23 14.57 18.16
CA SER A 96 -12.70 14.52 16.80
C SER A 96 -11.65 15.59 16.59
N MET A 97 -10.62 15.25 15.82
CA MET A 97 -9.58 16.20 15.50
C MET A 97 -10.04 17.07 14.33
N THR A 98 -9.50 18.28 14.28
CA THR A 98 -9.77 19.18 13.17
C THR A 98 -8.81 18.90 12.00
N PRO A 99 -9.37 18.54 10.82
CA PRO A 99 -8.60 18.36 9.58
C PRO A 99 -7.73 19.56 9.19
N CYS A 100 -6.59 19.29 8.56
CA CYS A 100 -5.57 20.31 8.31
C CYS A 100 -5.94 21.36 7.25
N THR A 101 -5.44 22.58 7.45
CA THR A 101 -5.74 23.75 6.60
C THR A 101 -4.50 24.36 5.94
N CYS A 102 -3.43 24.54 6.72
CA CYS A 102 -2.25 25.25 6.25
C CYS A 102 -1.58 24.63 5.01
N GLY A 103 -2.01 23.42 4.65
CA GLY A 103 -1.39 22.65 3.56
C GLY A 103 0.12 22.53 3.71
N SER A 104 0.60 22.48 4.96
CA SER A 104 2.03 22.41 5.24
C SER A 104 2.58 21.03 4.89
N SER A 105 3.83 21.00 4.48
CA SER A 105 4.50 19.74 4.16
C SER A 105 5.38 19.23 5.31
N ASP A 106 5.50 20.02 6.38
CA ASP A 106 6.22 19.61 7.58
C ASP A 106 5.26 18.88 8.52
N LEU A 107 5.33 17.56 8.56
CA LEU A 107 4.39 16.76 9.36
C LEU A 107 4.99 16.15 10.62
N TYR A 108 4.09 15.71 11.50
CA TYR A 108 4.50 15.12 12.76
C TYR A 108 3.66 13.89 13.03
N LEU A 109 4.34 12.74 13.01
CA LEU A 109 3.69 11.45 13.25
C LEU A 109 3.67 11.14 14.74
N VAL A 110 2.50 10.80 15.24
CA VAL A 110 2.32 10.39 16.63
C VAL A 110 2.30 8.87 16.74
N THR A 111 3.22 8.31 17.54
CA THR A 111 3.33 6.87 17.69
C THR A 111 2.66 6.40 18.99
N ARG A 112 2.54 5.09 19.16
CA ARG A 112 1.91 4.50 20.34
C ARG A 112 2.73 4.74 21.61
N HIS A 113 4.02 5.00 21.44
CA HIS A 113 4.92 5.29 22.55
C HIS A 113 4.97 6.77 22.89
N ALA A 114 3.94 7.51 22.47
CA ALA A 114 3.78 8.92 22.80
C ALA A 114 4.85 9.83 22.21
N ASP A 115 5.67 9.31 21.28
CA ASP A 115 6.62 10.16 20.57
C ASP A 115 5.96 10.85 19.38
N VAL A 116 6.49 12.01 19.01
CA VAL A 116 6.02 12.78 17.87
C VAL A 116 7.21 12.96 16.91
N ILE A 117 7.15 12.28 15.77
CA ILE A 117 8.28 12.16 14.83
C ILE A 117 8.14 13.14 13.65
N PRO A 118 9.17 13.95 13.38
CA PRO A 118 9.12 14.85 12.21
C PRO A 118 9.11 14.06 10.89
N VAL A 119 8.18 14.42 10.01
CA VAL A 119 8.00 13.75 8.73
C VAL A 119 7.84 14.79 7.63
N ARG A 120 8.59 14.64 6.54
CA ARG A 120 8.48 15.55 5.39
C ARG A 120 7.63 14.97 4.26
N ARG A 121 6.46 15.58 4.03
CA ARG A 121 5.48 15.15 3.03
C ARG A 121 6.09 15.13 1.61
N ARG A 122 5.94 14.01 0.90
CA ARG A 122 6.52 13.83 -0.45
C ARG A 122 5.47 13.64 -1.53
N GLY A 123 4.23 13.39 -1.12
CA GLY A 123 3.13 13.21 -2.04
C GLY A 123 1.86 13.07 -1.23
N ASP A 124 0.76 12.77 -1.93
CA ASP A 124 -0.54 12.63 -1.27
C ASP A 124 -0.50 11.69 -0.07
N SER A 125 0.23 10.58 -0.18
CA SER A 125 0.28 9.53 0.83
C SER A 125 1.66 9.24 1.42
N ARG A 126 2.66 10.03 1.05
CA ARG A 126 4.03 9.70 1.40
C ARG A 126 4.71 10.83 2.14
N GLY A 127 5.47 10.48 3.18
CA GLY A 127 6.38 11.42 3.83
C GLY A 127 7.65 10.70 4.25
N SER A 128 8.77 11.44 4.32
CA SER A 128 10.02 10.84 4.77
C SER A 128 10.31 11.18 6.22
N LEU A 129 10.80 10.18 6.93
CA LEU A 129 11.33 10.34 8.27
C LEU A 129 12.63 11.12 8.17
N LEU A 130 12.71 12.24 8.88
CA LEU A 130 13.94 13.04 8.88
C LEU A 130 15.05 12.26 9.54
N SER A 131 14.71 11.51 10.57
CA SER A 131 15.59 10.51 11.17
C SER A 131 14.99 9.11 10.96
N PRO A 132 15.76 8.18 10.37
CA PRO A 132 15.31 6.80 10.24
C PRO A 132 14.96 6.19 11.60
N ARG A 133 14.04 5.24 11.60
CA ARG A 133 13.61 4.59 12.83
C ARG A 133 13.67 3.07 12.68
N PRO A 134 13.96 2.36 13.78
CA PRO A 134 13.90 0.90 13.68
C PRO A 134 12.46 0.42 13.42
N VAL A 135 12.30 -0.62 12.59
CA VAL A 135 11.00 -1.22 12.28
C VAL A 135 10.21 -1.60 13.56
N SER A 136 10.88 -2.30 14.48
CA SER A 136 10.27 -2.68 15.76
C SER A 136 9.72 -1.49 16.54
N TYR A 137 10.31 -0.32 16.34
CA TYR A 137 9.86 0.87 17.03
C TYR A 137 8.50 1.39 16.51
N LEU A 138 8.21 1.21 15.23
CA LEU A 138 6.99 1.72 14.63
C LEU A 138 5.83 0.73 14.64
N LYS A 139 6.13 -0.55 14.86
CA LYS A 139 5.08 -1.57 14.88
C LYS A 139 4.03 -1.26 15.93
N GLY A 140 2.76 -1.28 15.53
CA GLY A 140 1.65 -1.03 16.45
C GLY A 140 1.20 0.42 16.42
N SER A 141 1.76 1.21 15.52
CA SER A 141 1.39 2.62 15.46
C SER A 141 0.52 2.96 14.25
N SER A 142 0.13 1.95 13.46
CA SER A 142 -0.79 2.20 12.35
C SER A 142 -2.11 2.74 12.91
N GLY A 143 -2.72 3.69 12.21
CA GLY A 143 -3.89 4.38 12.70
C GLY A 143 -3.58 5.70 13.40
N GLY A 144 -2.32 5.88 13.81
CA GLY A 144 -1.88 7.09 14.49
C GLY A 144 -1.81 8.25 13.51
N PRO A 145 -2.08 9.48 13.99
CA PRO A 145 -2.19 10.61 13.09
C PRO A 145 -0.86 11.19 12.63
N LEU A 146 -0.89 11.81 11.45
CA LEU A 146 0.15 12.74 11.06
C LEU A 146 -0.44 14.13 11.18
N LEU A 147 0.22 14.99 11.94
CA LEU A 147 -0.28 16.32 12.16
C LEU A 147 0.63 17.33 11.50
N CYS A 148 0.01 18.42 11.05
CA CYS A 148 0.74 19.58 10.56
C CYS A 148 1.29 20.34 11.77
N PRO A 149 2.09 21.40 11.54
CA PRO A 149 2.68 22.15 12.64
C PRO A 149 1.65 22.81 13.57
N SER A 150 0.50 23.20 13.03
CA SER A 150 -0.55 23.81 13.87
C SER A 150 -1.23 22.74 14.73
N GLY A 151 -1.22 21.49 14.26
CA GLY A 151 -1.68 20.35 15.05
C GLY A 151 -2.93 19.66 14.55
N HIS A 152 -3.24 19.84 13.27
CA HIS A 152 -4.45 19.28 12.64
C HIS A 152 -4.11 17.99 11.89
N VAL A 153 -5.10 17.11 11.71
CA VAL A 153 -4.86 15.82 11.02
C VAL A 153 -4.76 15.93 9.51
N VAL A 154 -3.71 15.35 8.95
CA VAL A 154 -3.58 15.28 7.51
C VAL A 154 -3.79 13.85 7.03
N GLY A 155 -3.62 12.90 7.94
CA GLY A 155 -3.91 11.50 7.66
C GLY A 155 -3.55 10.60 8.83
N ILE A 156 -3.65 9.29 8.61
CA ILE A 156 -3.28 8.29 9.60
C ILE A 156 -2.25 7.28 9.04
N PHE A 157 -1.32 6.87 9.90
CA PHE A 157 -0.21 6.01 9.53
C PHE A 157 -0.73 4.65 9.07
N ARG A 158 -0.28 4.22 7.89
CA ARG A 158 -0.71 2.96 7.28
C ARG A 158 0.42 1.91 7.17
N ALA A 159 1.55 2.32 6.58
CA ALA A 159 2.66 1.40 6.32
C ALA A 159 4.02 2.08 6.39
N ALA A 160 5.02 1.33 6.87
CA ALA A 160 6.42 1.80 6.92
C ALA A 160 7.20 1.48 5.63
N VAL A 161 7.73 2.51 5.00
CA VAL A 161 8.61 2.36 3.84
C VAL A 161 10.03 2.13 4.32
N CYS A 162 10.57 0.95 4.00
CA CYS A 162 11.87 0.53 4.54
C CYS A 162 13.02 0.53 3.52
N THR A 163 14.22 0.82 4.01
CA THR A 163 15.44 0.66 3.21
C THR A 163 16.36 -0.24 4.00
N ARG A 164 16.49 -1.49 3.54
CA ARG A 164 17.31 -2.49 4.23
C ARG A 164 17.07 -2.57 5.75
N GLY A 165 15.86 -3.00 6.15
CA GLY A 165 15.54 -3.31 7.55
C GLY A 165 15.19 -2.16 8.48
N VAL A 166 15.28 -0.94 7.96
CA VAL A 166 15.11 0.29 8.74
C VAL A 166 14.04 1.14 8.05
N ALA A 167 13.11 1.71 8.82
CA ALA A 167 12.08 2.57 8.24
C ALA A 167 12.64 3.94 7.90
N LYS A 168 12.50 4.36 6.65
CA LYS A 168 12.98 5.66 6.21
C LYS A 168 11.87 6.61 5.78
N ALA A 169 10.66 6.08 5.63
CA ALA A 169 9.54 6.88 5.16
C ALA A 169 8.26 6.25 5.65
N VAL A 170 7.18 7.03 5.65
CA VAL A 170 5.87 6.53 6.03
C VAL A 170 4.85 6.72 4.92
N ASP A 171 3.99 5.72 4.79
CA ASP A 171 2.88 5.74 3.88
C ASP A 171 1.64 5.91 4.74
N PHE A 172 0.77 6.80 4.33
CA PHE A 172 -0.40 7.13 5.14
C PHE A 172 -1.67 7.38 4.31
N ILE A 173 -2.81 7.22 4.97
CA ILE A 173 -4.12 7.51 4.38
C ILE A 173 -4.45 8.99 4.58
N PRO A 174 -4.59 9.76 3.49
CA PRO A 174 -4.86 11.19 3.63
C PRO A 174 -6.22 11.44 4.25
N VAL A 175 -6.39 12.61 4.87
CA VAL A 175 -7.66 12.98 5.51
C VAL A 175 -8.82 13.04 4.50
N GLU A 176 -8.52 13.53 3.29
CA GLU A 176 -9.48 13.62 2.19
C GLU A 176 -10.08 12.27 1.79
N SER A 177 -9.30 11.21 1.98
CA SER A 177 -9.76 9.84 1.70
C SER A 177 -10.83 9.38 2.67
N MET A 178 -10.83 9.96 3.87
CA MET A 178 -11.80 9.58 4.89
C MET A 178 -13.11 10.38 4.72
N GLY B 2 -14.44 -11.83 18.07
CA GLY B 2 -14.51 -10.79 19.13
C GLY B 2 -14.48 -9.36 18.61
N SER B 3 -14.64 -8.40 19.51
CA SER B 3 -14.59 -6.99 19.16
C SER B 3 -13.18 -6.39 19.33
N VAL B 4 -12.96 -5.25 18.68
CA VAL B 4 -11.80 -4.41 18.96
C VAL B 4 -12.12 -3.55 20.19
N VAL B 5 -11.12 -3.39 21.06
CA VAL B 5 -11.29 -2.74 22.35
C VAL B 5 -10.32 -1.57 22.52
N ILE B 6 -10.87 -0.44 22.95
CA ILE B 6 -10.08 0.71 23.34
C ILE B 6 -9.38 0.37 24.66
N VAL B 7 -8.07 0.13 24.61
CA VAL B 7 -7.30 -0.23 25.81
C VAL B 7 -6.51 0.94 26.40
N GLY B 8 -6.55 2.08 25.72
CA GLY B 8 -5.81 3.26 26.18
C GLY B 8 -6.06 4.45 25.26
N ARG B 9 -5.36 5.55 25.51
CA ARG B 9 -5.48 6.74 24.65
C ARG B 9 -4.16 7.50 24.59
N ILE B 10 -3.98 8.29 23.53
CA ILE B 10 -2.81 9.16 23.42
C ILE B 10 -3.26 10.62 23.54
N ILE B 11 -2.87 11.25 24.64
CA ILE B 11 -3.21 12.65 24.91
C ILE B 11 -2.20 13.54 24.20
N LEU B 12 -2.71 14.44 23.36
CA LEU B 12 -1.88 15.37 22.58
C LEU B 12 -1.81 16.77 23.21
N SER B 13 -0.72 17.49 22.94
CA SER B 13 -0.47 18.79 23.55
C SER B 13 0.40 19.69 22.68
N GLY B 14 -0.01 20.95 22.53
CA GLY B 14 0.80 22.00 21.89
C GLY B 14 0.38 22.42 20.50
N ALA C 4 -16.31 2.01 -23.54
CA ALA C 4 -15.16 1.08 -23.69
C ALA C 4 -15.10 0.05 -22.54
N PRO C 5 -14.66 -1.19 -22.85
CA PRO C 5 -14.34 -2.19 -21.80
C PRO C 5 -13.08 -1.79 -21.00
N ILE C 6 -12.17 -2.74 -20.76
CA ILE C 6 -10.83 -2.40 -20.23
C ILE C 6 -9.97 -1.91 -21.39
N THR C 7 -9.55 -0.66 -21.35
CA THR C 7 -8.62 -0.13 -22.36
C THR C 7 -7.29 0.26 -21.73
N ALA C 8 -6.27 0.36 -22.58
CA ALA C 8 -4.92 0.76 -22.18
C ALA C 8 -4.24 1.57 -23.29
N TYR C 9 -3.38 2.51 -22.90
CA TYR C 9 -2.45 3.16 -23.83
C TYR C 9 -1.07 3.38 -23.23
N SER C 10 -0.05 3.30 -24.08
CA SER C 10 1.35 3.54 -23.71
C SER C 10 1.73 5.00 -23.85
N GLN C 11 2.63 5.46 -22.98
CA GLN C 11 3.33 6.72 -23.18
C GLN C 11 4.79 6.48 -22.85
N GLN C 12 5.66 6.58 -23.86
CA GLN C 12 7.11 6.53 -23.66
C GLN C 12 7.59 7.84 -23.06
N THR C 13 8.54 7.76 -22.12
CA THR C 13 9.04 8.94 -21.44
C THR C 13 10.55 9.14 -21.62
N ARG C 14 11.22 8.12 -22.12
CA ARG C 14 12.68 8.07 -22.05
C ARG C 14 13.17 7.11 -23.11
N GLY C 15 14.30 7.43 -23.74
CA GLY C 15 14.88 6.55 -24.75
C GLY C 15 16.07 5.83 -24.15
N LEU C 16 16.79 5.08 -24.98
CA LEU C 16 17.92 4.27 -24.49
C LEU C 16 18.97 5.11 -23.76
N LEU C 17 19.42 6.19 -24.41
CA LEU C 17 20.45 7.08 -23.87
C LEU C 17 20.13 7.54 -22.45
N GLY C 18 18.93 8.09 -22.25
CA GLY C 18 18.50 8.56 -20.93
C GLY C 18 18.32 7.40 -19.97
N CYS C 19 17.94 6.24 -20.50
CA CYS C 19 17.80 5.04 -19.69
C CYS C 19 19.15 4.58 -19.18
N ILE C 20 20.15 4.55 -20.06
CA ILE C 20 21.55 4.25 -19.66
C ILE C 20 22.06 5.23 -18.61
N ILE C 21 21.89 6.54 -18.85
CA ILE C 21 22.34 7.56 -17.88
C ILE C 21 21.66 7.40 -16.52
N THR C 22 20.33 7.26 -16.52
CA THR C 22 19.56 7.16 -15.27
C THR C 22 19.87 5.88 -14.51
N SER C 23 20.22 4.85 -15.26
CA SER C 23 20.57 3.57 -14.64
C SER C 23 21.88 3.66 -13.88
N LEU C 24 22.76 4.55 -14.32
CA LEU C 24 24.02 4.74 -13.58
C LEU C 24 23.88 5.76 -12.46
N THR C 25 23.12 6.83 -12.69
CA THR C 25 22.96 7.88 -11.66
C THR C 25 21.99 7.41 -10.57
N GLY C 26 20.97 6.66 -10.95
CA GLY C 26 20.01 6.13 -9.99
C GLY C 26 18.99 7.19 -9.58
N ARG C 27 18.94 8.27 -10.34
CA ARG C 27 18.09 9.42 -10.04
C ARG C 27 17.18 9.72 -11.22
N ASP C 28 15.89 9.82 -10.94
CA ASP C 28 14.88 10.02 -11.98
C ASP C 28 13.80 10.96 -11.45
N LYS C 29 13.71 12.16 -12.02
CA LYS C 29 12.72 13.16 -11.58
C LYS C 29 11.52 13.32 -12.53
N ASN C 30 11.38 12.37 -13.45
CA ASN C 30 10.16 12.27 -14.26
C ASN C 30 8.97 12.09 -13.36
N GLN C 31 7.83 12.68 -13.73
CA GLN C 31 6.58 12.41 -13.03
C GLN C 31 6.20 10.95 -13.20
N VAL C 32 5.72 10.33 -12.13
CA VAL C 32 5.26 8.94 -12.21
C VAL C 32 3.76 8.95 -12.26
N ASP C 33 3.22 8.17 -13.19
CA ASP C 33 1.79 8.12 -13.43
C ASP C 33 1.39 6.72 -13.97
N GLY C 34 0.13 6.35 -13.74
CA GLY C 34 -0.40 5.11 -14.28
C GLY C 34 -0.30 3.93 -13.33
N GLU C 35 -1.04 2.88 -13.67
CA GLU C 35 -1.10 1.64 -12.93
C GLU C 35 0.10 0.73 -13.27
N VAL C 36 0.49 0.74 -14.53
CA VAL C 36 1.54 -0.11 -15.06
C VAL C 36 2.71 0.74 -15.57
N GLN C 37 3.92 0.44 -15.08
CA GLN C 37 5.14 1.13 -15.52
C GLN C 37 5.90 0.30 -16.54
N VAL C 38 6.53 0.98 -17.51
CA VAL C 38 7.39 0.29 -18.47
C VAL C 38 8.82 0.40 -17.99
N LEU C 39 9.41 -0.75 -17.67
CA LEU C 39 10.74 -0.79 -17.05
C LEU C 39 11.80 -1.18 -18.04
N SER C 40 13.00 -0.73 -17.76
CA SER C 40 14.14 -1.10 -18.56
C SER C 40 15.43 -1.08 -17.75
N THR C 41 16.26 -2.08 -18.00
CA THR C 41 17.66 -2.04 -17.64
C THR C 41 18.24 -1.52 -18.94
N ALA C 42 19.55 -1.56 -19.15
CA ALA C 42 19.99 -1.12 -20.48
C ALA C 42 19.60 -2.15 -21.57
N THR C 43 19.63 -3.44 -21.20
CA THR C 43 19.62 -4.53 -22.16
C THR C 43 18.24 -5.19 -22.32
N GLN C 44 17.38 -4.99 -21.32
CA GLN C 44 16.07 -5.59 -21.36
C GLN C 44 14.99 -4.68 -20.80
N SER C 45 13.77 -4.93 -21.24
CA SER C 45 12.61 -4.16 -20.87
C SER C 45 11.47 -5.09 -20.54
N PHE C 46 10.59 -4.64 -19.65
CA PHE C 46 9.50 -5.45 -19.07
C PHE C 46 8.59 -4.49 -18.33
N LEU C 47 7.67 -5.01 -17.53
CA LEU C 47 6.64 -4.18 -16.93
C LEU C 47 6.60 -4.30 -15.42
N ALA C 48 5.97 -3.31 -14.78
CA ALA C 48 5.63 -3.41 -13.36
C ALA C 48 4.19 -2.96 -13.13
N THR C 49 3.51 -3.66 -12.22
CA THR C 49 2.14 -3.32 -11.86
C THR C 49 2.13 -2.84 -10.41
N CYS C 50 1.42 -1.75 -10.16
CA CYS C 50 1.42 -1.19 -8.83
C CYS C 50 0.18 -1.67 -8.08
N VAL C 51 0.42 -2.36 -6.97
CA VAL C 51 -0.65 -2.91 -6.15
C VAL C 51 -0.38 -2.60 -4.67
N ASN C 52 -1.38 -2.03 -3.99
CA ASN C 52 -1.27 -1.71 -2.57
C ASN C 52 0.00 -0.91 -2.24
N GLY C 53 0.33 0.08 -3.06
CA GLY C 53 1.44 0.99 -2.77
C GLY C 53 2.84 0.47 -3.12
N VAL C 54 2.90 -0.74 -3.67
CA VAL C 54 4.16 -1.36 -4.06
C VAL C 54 4.21 -1.56 -5.57
N CYS C 55 5.35 -1.22 -6.13
CA CYS C 55 5.59 -1.43 -7.52
C CYS C 55 6.24 -2.83 -7.73
N TRP C 56 5.44 -3.76 -8.27
CA TRP C 56 5.78 -5.18 -8.37
C TRP C 56 6.27 -5.59 -9.75
N THR C 57 7.35 -6.37 -9.82
CA THR C 57 7.81 -6.89 -11.11
C THR C 57 8.47 -8.29 -10.96
N VAL C 58 9.14 -8.78 -12.00
CA VAL C 58 9.75 -10.11 -11.95
C VAL C 58 11.24 -10.04 -11.59
N TYR C 59 11.68 -10.99 -10.78
CA TYR C 59 13.10 -11.14 -10.46
C TYR C 59 13.94 -11.38 -11.72
N HIS C 60 13.40 -12.14 -12.67
CA HIS C 60 14.13 -12.45 -13.89
C HIS C 60 14.30 -11.21 -14.79
N GLY C 61 13.53 -10.17 -14.51
CA GLY C 61 13.73 -8.90 -15.19
C GLY C 61 14.67 -8.01 -14.40
N ALA C 62 14.34 -7.78 -13.14
CA ALA C 62 14.98 -6.75 -12.31
C ALA C 62 16.12 -7.25 -11.41
N GLY C 63 16.25 -8.56 -11.25
CA GLY C 63 17.05 -9.11 -10.16
C GLY C 63 16.71 -8.40 -8.86
N SER C 64 17.75 -7.99 -8.14
CA SER C 64 17.58 -7.33 -6.87
C SER C 64 17.99 -5.85 -7.00
N LYS C 65 17.95 -5.33 -8.23
CA LYS C 65 18.33 -3.91 -8.49
C LYS C 65 17.44 -2.87 -7.82
N THR C 66 18.02 -1.70 -7.63
CA THR C 66 17.28 -0.57 -7.16
C THR C 66 16.45 -0.01 -8.32
N LEU C 67 15.50 0.85 -8.00
CA LEU C 67 14.73 1.52 -9.00
C LEU C 67 15.16 3.00 -8.96
N ALA C 68 15.46 3.56 -10.12
CA ALA C 68 15.88 4.95 -10.18
C ALA C 68 14.72 5.81 -9.71
N GLY C 69 14.98 6.66 -8.72
CA GLY C 69 13.92 7.47 -8.11
C GLY C 69 14.23 8.96 -7.98
N PRO C 70 13.22 9.75 -7.59
CA PRO C 70 13.32 11.20 -7.55
C PRO C 70 14.39 11.68 -6.57
N LYS C 71 14.68 10.87 -5.57
CA LYS C 71 15.65 11.22 -4.54
C LYS C 71 16.87 10.30 -4.59
N GLY C 72 17.09 9.67 -5.74
CA GLY C 72 18.11 8.65 -5.86
C GLY C 72 17.52 7.26 -5.88
N PRO C 73 18.37 6.23 -5.79
CA PRO C 73 17.91 4.84 -5.98
C PRO C 73 16.88 4.38 -4.95
N ILE C 74 15.85 3.65 -5.38
CA ILE C 74 14.88 3.03 -4.46
C ILE C 74 15.21 1.54 -4.25
N THR C 75 15.49 1.18 -3.00
CA THR C 75 15.79 -0.20 -2.61
C THR C 75 14.55 -1.11 -2.71
N GLN C 76 14.76 -2.36 -3.13
CA GLN C 76 13.68 -3.36 -3.13
C GLN C 76 13.27 -3.61 -1.69
N MET C 77 11.99 -3.48 -1.39
CA MET C 77 11.48 -3.91 -0.10
C MET C 77 11.24 -5.42 -0.08
N TYR C 78 10.97 -5.98 -1.26
CA TYR C 78 10.61 -7.38 -1.37
C TYR C 78 11.35 -8.05 -2.52
N THR C 79 12.02 -9.14 -2.19
CA THR C 79 12.81 -9.89 -3.14
C THR C 79 12.51 -11.35 -2.88
N ASN C 80 11.41 -11.83 -3.45
CA ASN C 80 11.05 -13.23 -3.30
C ASN C 80 11.47 -14.02 -4.52
N VAL C 81 12.76 -14.36 -4.55
CA VAL C 81 13.40 -14.99 -5.70
C VAL C 81 12.78 -16.34 -6.08
N ASP C 82 12.35 -17.14 -5.11
CA ASP C 82 11.75 -18.44 -5.42
C ASP C 82 10.39 -18.34 -6.09
N GLN C 83 9.79 -17.16 -6.08
CA GLN C 83 8.55 -16.96 -6.83
C GLN C 83 8.66 -15.92 -7.97
N ASP C 84 9.89 -15.49 -8.23
CA ASP C 84 10.20 -14.55 -9.32
C ASP C 84 9.49 -13.19 -9.14
N LEU C 85 9.35 -12.78 -7.89
CA LEU C 85 8.62 -11.58 -7.53
C LEU C 85 9.51 -10.62 -6.77
N VAL C 86 9.60 -9.39 -7.27
CA VAL C 86 10.23 -8.31 -6.52
C VAL C 86 9.26 -7.15 -6.42
N GLY C 87 9.47 -6.33 -5.39
CA GLY C 87 8.68 -5.12 -5.18
C GLY C 87 9.48 -3.95 -4.59
N TRP C 88 9.21 -2.75 -5.11
CA TRP C 88 9.75 -1.51 -4.56
C TRP C 88 8.58 -0.66 -4.03
N PRO C 89 8.81 0.07 -2.91
CA PRO C 89 7.76 1.05 -2.58
C PRO C 89 7.51 1.90 -3.83
N ALA C 90 6.25 2.04 -4.22
CA ALA C 90 5.92 2.75 -5.45
C ALA C 90 6.19 4.22 -5.28
N PRO C 91 6.89 4.85 -6.26
CA PRO C 91 7.13 6.27 -6.10
C PRO C 91 5.81 7.07 -6.21
N PRO C 92 5.70 8.21 -5.48
CA PRO C 92 4.45 8.98 -5.46
C PRO C 92 4.00 9.38 -6.85
N GLY C 93 2.70 9.33 -7.10
CA GLY C 93 2.17 9.59 -8.43
C GLY C 93 1.77 8.30 -9.13
N ALA C 94 2.42 7.20 -8.78
CA ALA C 94 1.98 5.89 -9.25
C ALA C 94 0.54 5.66 -8.79
N ARG C 95 -0.29 5.08 -9.66
CA ARG C 95 -1.65 4.71 -9.30
C ARG C 95 -1.69 3.26 -8.84
N SER C 96 -2.09 3.05 -7.60
CA SER C 96 -2.17 1.72 -7.05
C SER C 96 -3.49 1.03 -7.42
N MET C 97 -3.39 -0.23 -7.83
CA MET C 97 -4.57 -1.06 -8.08
C MET C 97 -4.89 -1.91 -6.85
N THR C 98 -6.08 -2.48 -6.83
CA THR C 98 -6.49 -3.29 -5.70
C THR C 98 -6.62 -4.74 -6.18
N PRO C 99 -6.35 -5.71 -5.30
CA PRO C 99 -6.45 -7.14 -5.63
C PRO C 99 -7.89 -7.57 -5.93
N CYS C 100 -8.02 -8.68 -6.66
CA CYS C 100 -9.33 -9.20 -7.01
C CYS C 100 -9.95 -9.91 -5.80
N THR C 101 -11.26 -9.75 -5.66
CA THR C 101 -12.05 -10.63 -4.80
C THR C 101 -13.20 -11.28 -5.58
N CYS C 102 -13.39 -10.86 -6.84
CA CYS C 102 -14.35 -11.47 -7.79
C CYS C 102 -14.44 -12.98 -7.70
N GLY C 103 -13.28 -13.62 -7.55
CA GLY C 103 -13.17 -15.07 -7.69
C GLY C 103 -13.25 -15.49 -9.16
N SER C 104 -13.53 -14.51 -10.02
CA SER C 104 -13.69 -14.72 -11.47
C SER C 104 -12.54 -15.50 -12.08
N SER C 105 -12.85 -16.23 -13.15
CA SER C 105 -11.84 -16.96 -13.93
C SER C 105 -11.65 -16.34 -15.32
N ASP C 106 -12.39 -15.26 -15.60
CA ASP C 106 -12.19 -14.46 -16.81
C ASP C 106 -11.14 -13.39 -16.56
N LEU C 107 -9.94 -13.60 -17.11
CA LEU C 107 -8.84 -12.67 -16.89
C LEU C 107 -8.46 -11.92 -18.17
N TYR C 108 -7.80 -10.78 -17.98
CA TYR C 108 -7.37 -9.93 -19.08
C TYR C 108 -5.94 -9.48 -18.86
N LEU C 109 -5.05 -9.95 -19.73
CA LEU C 109 -3.64 -9.60 -19.67
C LEU C 109 -3.40 -8.29 -20.39
N VAL C 110 -2.79 -7.33 -19.69
CA VAL C 110 -2.35 -6.09 -20.34
C VAL C 110 -0.86 -6.20 -20.71
N THR C 111 -0.55 -6.02 -22.00
CA THR C 111 0.79 -6.19 -22.53
C THR C 111 1.55 -4.86 -22.63
N ARG C 112 2.83 -4.93 -23.00
CA ARG C 112 3.67 -3.74 -23.14
C ARG C 112 3.23 -2.84 -24.31
N HIS C 113 2.49 -3.41 -25.24
CA HIS C 113 1.99 -2.66 -26.40
C HIS C 113 0.58 -2.17 -26.14
N ALA C 114 0.19 -2.14 -24.87
CA ALA C 114 -1.15 -1.71 -24.44
C ALA C 114 -2.31 -2.56 -24.99
N ASP C 115 -2.03 -3.82 -25.35
CA ASP C 115 -3.09 -4.78 -25.71
C ASP C 115 -3.74 -5.36 -24.47
N VAL C 116 -5.04 -5.62 -24.54
CA VAL C 116 -5.78 -6.29 -23.48
C VAL C 116 -6.28 -7.61 -24.03
N ILE C 117 -5.69 -8.72 -23.59
CA ILE C 117 -5.98 -10.02 -24.21
C ILE C 117 -6.57 -11.07 -23.22
N PRO C 118 -7.72 -11.68 -23.59
CA PRO C 118 -8.47 -12.60 -22.72
C PRO C 118 -7.74 -13.89 -22.34
N VAL C 119 -7.99 -14.36 -21.12
CA VAL C 119 -7.31 -15.52 -20.53
C VAL C 119 -8.30 -16.21 -19.57
N ARG C 120 -8.31 -17.54 -19.56
CA ARG C 120 -9.14 -18.28 -18.58
C ARG C 120 -8.28 -18.95 -17.50
N ARG C 121 -8.66 -18.79 -16.23
CA ARG C 121 -7.84 -19.25 -15.10
C ARG C 121 -7.87 -20.77 -14.84
N ARG C 122 -6.69 -21.33 -14.60
CA ARG C 122 -6.51 -22.75 -14.24
C ARG C 122 -5.66 -22.87 -12.99
N GLY C 123 -6.26 -23.18 -11.85
CA GLY C 123 -5.55 -23.18 -10.57
C GLY C 123 -5.11 -21.77 -10.16
N ASP C 124 -4.17 -21.71 -9.22
CA ASP C 124 -3.68 -20.46 -8.65
C ASP C 124 -2.98 -19.54 -9.66
N SER C 125 -2.13 -20.12 -10.50
CA SER C 125 -1.13 -19.35 -11.21
C SER C 125 -0.97 -19.70 -12.70
N ARG C 126 -2.09 -20.07 -13.32
CA ARG C 126 -2.08 -20.46 -14.71
C ARG C 126 -3.33 -19.95 -15.39
N GLY C 127 -3.23 -19.73 -16.70
CA GLY C 127 -4.35 -19.25 -17.50
C GLY C 127 -4.15 -19.58 -18.97
N SER C 128 -5.22 -20.03 -19.63
CA SER C 128 -5.15 -20.32 -21.06
C SER C 128 -5.53 -19.13 -21.91
N LEU C 129 -4.69 -18.84 -22.91
CA LEU C 129 -4.96 -17.76 -23.86
C LEU C 129 -6.07 -18.20 -24.78
N LEU C 130 -7.12 -17.37 -24.85
CA LEU C 130 -8.25 -17.66 -25.73
C LEU C 130 -7.79 -17.83 -27.17
N SER C 131 -6.90 -16.94 -27.61
CA SER C 131 -6.26 -17.05 -28.90
C SER C 131 -4.74 -17.12 -28.66
N PRO C 132 -4.13 -18.30 -28.93
CA PRO C 132 -2.69 -18.47 -28.75
C PRO C 132 -1.89 -17.41 -29.53
N ARG C 133 -0.80 -16.92 -28.94
CA ARG C 133 -0.02 -15.85 -29.56
C ARG C 133 1.42 -16.25 -29.89
N PRO C 134 2.03 -15.61 -30.91
CA PRO C 134 3.46 -15.83 -31.11
C PRO C 134 4.23 -15.31 -29.91
N VAL C 135 5.41 -15.86 -29.67
CA VAL C 135 6.12 -15.61 -28.43
C VAL C 135 6.61 -14.16 -28.35
N SER C 136 6.89 -13.58 -29.51
CA SER C 136 7.37 -12.22 -29.66
C SER C 136 6.28 -11.14 -29.44
N TYR C 137 5.04 -11.59 -29.28
CA TYR C 137 3.92 -10.72 -28.93
C TYR C 137 3.88 -10.51 -27.42
N LEU C 138 4.33 -11.53 -26.69
CA LEU C 138 4.34 -11.55 -25.23
C LEU C 138 5.67 -11.14 -24.59
N LYS C 139 6.77 -11.26 -25.33
CA LYS C 139 8.09 -10.82 -24.87
C LYS C 139 8.07 -9.38 -24.41
N GLY C 140 8.68 -9.11 -23.25
CA GLY C 140 8.70 -7.78 -22.68
C GLY C 140 7.45 -7.40 -21.91
N SER C 141 6.60 -8.39 -21.62
CA SER C 141 5.36 -8.10 -20.89
C SER C 141 5.25 -8.73 -19.51
N SER C 142 6.27 -9.48 -19.08
CA SER C 142 6.32 -9.97 -17.70
C SER C 142 6.27 -8.75 -16.77
N GLY C 143 5.61 -8.91 -15.62
CA GLY C 143 5.27 -7.79 -14.77
C GLY C 143 3.90 -7.20 -15.06
N GLY C 144 3.40 -7.46 -16.26
CA GLY C 144 2.08 -6.99 -16.70
C GLY C 144 0.96 -7.62 -15.90
N PRO C 145 -0.12 -6.86 -15.64
CA PRO C 145 -1.12 -7.35 -14.74
C PRO C 145 -2.07 -8.30 -15.45
N LEU C 146 -2.57 -9.29 -14.72
CA LEU C 146 -3.75 -10.03 -15.16
C LEU C 146 -4.94 -9.49 -14.39
N LEU C 147 -5.89 -8.94 -15.13
CA LEU C 147 -7.06 -8.25 -14.58
C LEU C 147 -8.35 -9.07 -14.63
N CYS C 148 -9.17 -8.95 -13.60
CA CYS C 148 -10.53 -9.51 -13.60
C CYS C 148 -11.47 -8.55 -14.36
N PRO C 149 -12.73 -8.96 -14.62
CA PRO C 149 -13.64 -8.13 -15.46
C PRO C 149 -13.84 -6.68 -14.96
N SER C 150 -13.81 -6.49 -13.65
CA SER C 150 -13.92 -5.17 -13.01
C SER C 150 -12.65 -4.30 -13.23
N GLY C 151 -11.51 -4.95 -13.40
CA GLY C 151 -10.24 -4.24 -13.57
C GLY C 151 -9.37 -4.32 -12.33
N HIS C 152 -9.55 -5.39 -11.55
CA HIS C 152 -8.80 -5.64 -10.32
C HIS C 152 -7.72 -6.70 -10.56
N VAL C 153 -6.67 -6.67 -9.74
CA VAL C 153 -5.47 -7.47 -10.00
C VAL C 153 -5.61 -8.91 -9.53
N VAL C 154 -5.50 -9.86 -10.47
CA VAL C 154 -5.48 -11.29 -10.08
C VAL C 154 -4.04 -11.79 -9.93
N GLY C 155 -3.14 -11.21 -10.73
CA GLY C 155 -1.72 -11.49 -10.65
C GLY C 155 -0.90 -10.79 -11.71
N ILE C 156 0.35 -11.20 -11.81
CA ILE C 156 1.32 -10.58 -12.70
C ILE C 156 2.01 -11.65 -13.55
N PHE C 157 2.04 -11.41 -14.85
CA PHE C 157 2.63 -12.28 -15.86
C PHE C 157 4.11 -12.65 -15.57
N ARG C 158 4.40 -13.95 -15.49
CA ARG C 158 5.75 -14.43 -15.15
C ARG C 158 6.43 -15.21 -16.27
N ALA C 159 5.69 -16.15 -16.88
CA ALA C 159 6.22 -17.00 -17.95
C ALA C 159 5.12 -17.42 -18.91
N ALA C 160 5.50 -17.81 -20.12
CA ALA C 160 4.56 -18.37 -21.08
C ALA C 160 4.78 -19.87 -21.24
N VAL C 161 3.69 -20.62 -21.37
CA VAL C 161 3.75 -22.02 -21.75
C VAL C 161 3.55 -22.04 -23.26
N CYS C 162 4.57 -22.52 -23.97
CA CYS C 162 4.53 -22.51 -25.43
C CYS C 162 5.10 -23.76 -26.05
N THR C 163 4.68 -24.02 -27.28
CA THR C 163 5.22 -25.09 -28.10
C THR C 163 5.51 -24.51 -29.48
N ARG C 164 6.77 -24.64 -29.89
CA ARG C 164 7.28 -24.09 -31.16
C ARG C 164 7.03 -22.58 -31.30
N GLY C 165 7.40 -21.84 -30.26
CA GLY C 165 7.35 -20.37 -30.27
C GLY C 165 5.98 -19.74 -30.33
N VAL C 166 4.94 -20.52 -30.02
CA VAL C 166 3.58 -19.98 -29.91
C VAL C 166 3.04 -20.34 -28.53
N ALA C 167 2.60 -19.32 -27.79
CA ALA C 167 2.14 -19.50 -26.43
C ALA C 167 0.67 -19.91 -26.37
N LYS C 168 0.35 -20.93 -25.56
CA LYS C 168 -1.04 -21.36 -25.37
C LYS C 168 -1.53 -20.90 -24.00
N ALA C 169 -0.62 -20.95 -23.04
CA ALA C 169 -0.96 -20.64 -21.66
C ALA C 169 0.00 -19.63 -21.05
N VAL C 170 -0.45 -18.96 -19.99
CA VAL C 170 0.43 -18.08 -19.23
C VAL C 170 0.57 -18.51 -17.78
N ASP C 171 1.79 -18.49 -17.29
CA ASP C 171 2.03 -18.74 -15.88
C ASP C 171 2.18 -17.38 -15.20
N PHE C 172 1.58 -17.23 -14.02
CA PHE C 172 1.62 -15.93 -13.32
C PHE C 172 1.82 -16.02 -11.82
N ILE C 173 2.34 -14.95 -11.23
CA ILE C 173 2.42 -14.82 -9.79
C ILE C 173 1.03 -14.38 -9.33
N PRO C 174 0.39 -15.19 -8.45
CA PRO C 174 -0.95 -14.82 -7.97
C PRO C 174 -0.89 -13.65 -6.99
N VAL C 175 -1.92 -12.80 -7.02
CA VAL C 175 -1.97 -11.60 -6.18
C VAL C 175 -1.84 -11.92 -4.68
N GLU C 176 -2.37 -13.08 -4.26
CA GLU C 176 -2.28 -13.51 -2.86
C GLU C 176 -0.81 -13.70 -2.44
N SER C 177 0.01 -14.12 -3.40
CA SER C 177 1.44 -14.25 -3.20
C SER C 177 2.11 -12.88 -2.93
N MET C 178 1.56 -11.81 -3.50
CA MET C 178 2.02 -10.44 -3.19
C MET C 178 1.52 -9.97 -1.82
N GLU C 179 0.28 -10.32 -1.49
CA GLU C 179 -0.33 -9.96 -0.21
C GLU C 179 0.39 -10.63 0.95
N THR C 180 0.76 -11.90 0.79
CA THR C 180 1.51 -12.62 1.83
C THR C 180 2.94 -12.08 1.97
N THR C 181 3.58 -11.75 0.85
CA THR C 181 4.95 -11.18 0.88
C THR C 181 5.01 -9.87 1.70
N MET C 182 3.95 -9.06 1.64
CA MET C 182 3.87 -7.80 2.40
C MET C 182 3.82 -7.99 3.92
N LYS D 1 25.41 -3.06 -9.06
CA LYS D 1 24.64 -3.04 -10.34
C LYS D 1 24.05 -1.65 -10.58
N GLY D 2 23.58 -1.41 -11.80
CA GLY D 2 22.83 -0.20 -12.11
C GLY D 2 21.35 -0.35 -11.77
N SER D 3 20.63 0.76 -11.83
CA SER D 3 19.21 0.80 -11.48
C SER D 3 18.31 0.34 -12.62
N VAL D 4 17.15 -0.19 -12.28
CA VAL D 4 16.05 -0.32 -13.24
C VAL D 4 15.46 1.08 -13.44
N VAL D 5 15.00 1.37 -14.65
CA VAL D 5 14.55 2.71 -14.99
C VAL D 5 13.13 2.63 -15.57
N ILE D 6 12.21 3.45 -15.06
CA ILE D 6 10.91 3.66 -15.71
C ILE D 6 11.13 4.44 -17.00
N VAL D 7 10.85 3.80 -18.14
CA VAL D 7 11.02 4.41 -19.45
C VAL D 7 9.67 4.70 -20.11
N GLY D 8 8.60 4.51 -19.35
CA GLY D 8 7.25 4.65 -19.88
C GLY D 8 6.18 4.14 -18.93
N ARG D 9 4.93 4.36 -19.29
CA ARG D 9 3.80 3.97 -18.45
C ARG D 9 2.66 3.45 -19.30
N ILE D 10 1.77 2.68 -18.69
CA ILE D 10 0.56 2.20 -19.33
C ILE D 10 -0.63 2.64 -18.48
N ILE D 11 -1.47 3.49 -19.06
CA ILE D 11 -2.64 4.04 -18.36
C ILE D 11 -3.88 3.20 -18.68
N LEU D 12 -4.56 2.73 -17.64
CA LEU D 12 -5.75 1.90 -17.79
C LEU D 12 -7.04 2.72 -17.65
N SER D 13 -8.06 2.32 -18.43
CA SER D 13 -9.42 2.86 -18.30
C SER D 13 -10.44 1.74 -18.45
#